data_4TUM
#
_entry.id   4TUM
#
_cell.length_a   68.331
_cell.length_b   59.381
_cell.length_c   84.860
_cell.angle_alpha   90.00
_cell.angle_beta   107.33
_cell.angle_gamma   90.00
#
_symmetry.space_group_name_H-M   'P 1 21 1'
#
loop_
_entity.id
_entity.type
_entity.pdbx_description
1 polymer 'Ankyrin repeat domain-containing protein 2'
2 water water
#
_entity_poly.entity_id   1
_entity_poly.type   'polypeptide(L)'
_entity_poly.pdbx_seq_one_letter_code
;VAEEGEEEESIVHQTASLGDVEGLKAALASGGNKDEEDSEGRTALHFACGYGELKCAQVLIDAGASVNAVDKNKNTPLHY
AAGYGRKECVSLLLENGAAVTLQNLDEKTPIDVAKLNSQLEVVKLLEKDAFL
;
_entity_poly.pdbx_strand_id   A,B,C,D,E
#
# COMPACT_ATOMS: atom_id res chain seq x y z
N GLU A 9 41.54 -5.22 27.36
CA GLU A 9 40.91 -3.95 27.85
C GLU A 9 39.83 -3.37 26.91
N SER A 10 38.97 -4.21 26.35
CA SER A 10 37.89 -3.69 25.51
C SER A 10 36.54 -3.71 26.21
N ILE A 11 36.07 -2.54 26.63
CA ILE A 11 34.80 -2.39 27.35
C ILE A 11 33.60 -2.96 26.61
N VAL A 12 33.58 -2.74 25.30
CA VAL A 12 32.51 -3.24 24.47
C VAL A 12 32.48 -4.78 24.46
N HIS A 13 33.63 -5.41 24.41
CA HIS A 13 33.71 -6.87 24.42
C HIS A 13 33.37 -7.46 25.80
N GLN A 14 33.90 -6.85 26.85
CA GLN A 14 33.72 -7.31 28.22
C GLN A 14 32.28 -7.22 28.70
N THR A 15 31.61 -6.10 28.43
CA THR A 15 30.23 -5.92 28.85
C THR A 15 29.32 -6.85 28.05
N ALA A 16 29.61 -7.01 26.76
CA ALA A 16 28.80 -7.91 25.94
C ALA A 16 28.97 -9.35 26.42
N SER A 17 30.21 -9.75 26.70
CA SER A 17 30.53 -11.12 27.13
C SER A 17 29.93 -11.51 28.47
N LEU A 18 29.75 -10.53 29.35
CA LEU A 18 29.17 -10.79 30.67
C LEU A 18 27.69 -10.48 30.75
N GLY A 19 27.06 -10.18 29.62
CA GLY A 19 25.64 -9.89 29.61
C GLY A 19 25.29 -8.58 30.28
N ASP A 20 26.27 -7.69 30.38
CA ASP A 20 26.09 -6.38 31.00
C ASP A 20 25.46 -5.37 30.02
N VAL A 21 24.16 -5.51 29.82
CA VAL A 21 23.39 -4.66 28.92
C VAL A 21 23.58 -3.16 29.11
N GLU A 22 23.46 -2.70 30.35
CA GLU A 22 23.60 -1.28 30.65
C GLU A 22 25.03 -0.81 30.41
N GLY A 23 25.99 -1.62 30.84
CA GLY A 23 27.39 -1.30 30.64
C GLY A 23 27.69 -1.21 29.15
N LEU A 24 27.09 -2.10 28.36
CA LEU A 24 27.28 -2.15 26.90
C LEU A 24 26.73 -0.91 26.22
N LYS A 25 25.49 -0.53 26.57
CA LYS A 25 24.89 0.65 25.97
C LYS A 25 25.72 1.88 26.28
N ALA A 26 26.09 2.03 27.55
CA ALA A 26 26.90 3.15 28.00
C ALA A 26 28.19 3.20 27.18
N ALA A 27 28.90 2.08 27.12
CA ALA A 27 30.16 2.03 26.37
C ALA A 27 29.97 2.48 24.92
N LEU A 28 28.90 2.01 24.28
CA LEU A 28 28.64 2.39 22.90
C LEU A 28 28.28 3.87 22.79
N ALA A 29 27.58 4.39 23.79
CA ALA A 29 27.20 5.80 23.80
C ALA A 29 28.42 6.68 24.00
N SER A 30 29.33 6.21 24.85
CA SER A 30 30.57 6.90 25.21
C SER A 30 31.64 6.75 24.13
N GLY A 31 31.23 6.52 22.90
CA GLY A 31 32.22 6.38 21.85
C GLY A 31 32.66 4.98 21.43
N GLY A 32 32.44 3.98 22.28
CA GLY A 32 32.84 2.61 21.96
C GLY A 32 32.42 2.15 20.56
N ASN A 33 33.31 1.43 19.88
CA ASN A 33 33.05 0.92 18.53
C ASN A 33 32.43 -0.48 18.50
N LYS A 34 31.21 -0.61 18.01
CA LYS A 34 30.59 -1.92 18.00
C LYS A 34 31.20 -2.93 17.05
N ASP A 35 32.15 -2.50 16.22
CA ASP A 35 32.80 -3.42 15.32
C ASP A 35 34.23 -3.73 15.75
N GLU A 36 34.59 -3.24 16.92
CA GLU A 36 35.91 -3.47 17.47
C GLU A 36 36.21 -4.96 17.37
N GLU A 37 37.46 -5.28 17.04
CA GLU A 37 37.91 -6.65 16.91
C GLU A 37 39.06 -6.90 17.85
N ASP A 38 39.19 -8.14 18.33
CA ASP A 38 40.32 -8.47 19.18
C ASP A 38 41.43 -8.97 18.25
N SER A 39 42.53 -9.45 18.80
CA SER A 39 43.62 -9.92 17.96
C SER A 39 43.29 -11.13 17.07
N GLU A 40 42.16 -11.78 17.32
CA GLU A 40 41.76 -12.95 16.52
C GLU A 40 40.60 -12.61 15.58
N GLY A 41 40.34 -11.31 15.41
CA GLY A 41 39.27 -10.85 14.55
C GLY A 41 37.87 -11.00 15.12
N ARG A 42 37.74 -11.32 16.41
CA ARG A 42 36.40 -11.45 17.00
C ARG A 42 35.81 -10.09 17.37
N THR A 43 34.50 -9.97 17.21
CA THR A 43 33.78 -8.76 17.56
C THR A 43 32.92 -9.05 18.80
N ALA A 44 32.40 -8.01 19.41
CA ALA A 44 31.54 -8.18 20.59
C ALA A 44 30.34 -9.08 20.27
N LEU A 45 29.90 -9.05 19.03
CA LEU A 45 28.77 -9.87 18.65
C LEU A 45 29.18 -11.36 18.63
N HIS A 46 30.41 -11.67 18.23
CA HIS A 46 30.83 -13.07 18.24
C HIS A 46 30.70 -13.61 19.67
N PHE A 47 31.17 -12.83 20.63
CA PHE A 47 31.13 -13.24 22.04
C PHE A 47 29.71 -13.28 22.62
N ALA A 48 28.92 -12.25 22.38
CA ALA A 48 27.56 -12.27 22.90
C ALA A 48 26.84 -13.51 22.44
N CYS A 49 26.90 -13.79 21.13
CA CYS A 49 26.24 -14.96 20.55
C CYS A 49 26.86 -16.30 21.00
N GLY A 50 28.17 -16.33 21.18
CA GLY A 50 28.81 -17.55 21.61
C GLY A 50 28.49 -17.89 23.07
N TYR A 51 28.21 -16.85 23.86
CA TYR A 51 27.86 -17.05 25.27
C TYR A 51 26.35 -17.08 25.52
N GLY A 52 25.57 -16.78 24.49
CA GLY A 52 24.11 -16.79 24.61
C GLY A 52 23.53 -15.55 25.31
N GLU A 53 24.20 -14.41 25.16
CA GLU A 53 23.74 -13.15 25.72
C GLU A 53 22.85 -12.44 24.69
N LEU A 54 21.60 -12.91 24.58
CA LEU A 54 20.62 -12.37 23.64
C LEU A 54 20.48 -10.84 23.66
N LYS A 55 20.14 -10.28 24.81
CA LYS A 55 19.94 -8.83 24.89
C LYS A 55 21.15 -8.02 24.47
N CYS A 56 22.34 -8.45 24.85
CA CYS A 56 23.54 -7.74 24.44
C CYS A 56 23.73 -7.87 22.95
N ALA A 57 23.37 -9.03 22.38
CA ALA A 57 23.51 -9.22 20.94
C ALA A 57 22.55 -8.28 20.20
N GLN A 58 21.35 -8.09 20.74
CA GLN A 58 20.37 -7.20 20.10
C GLN A 58 20.89 -5.78 20.07
N VAL A 59 21.46 -5.34 21.19
CA VAL A 59 22.02 -4.00 21.34
C VAL A 59 23.04 -3.75 20.26
N LEU A 60 23.95 -4.71 20.08
CA LEU A 60 24.99 -4.61 19.06
C LEU A 60 24.37 -4.58 17.64
N ILE A 61 23.37 -5.44 17.40
CA ILE A 61 22.74 -5.48 16.09
C ILE A 61 22.03 -4.14 15.84
N ASP A 62 21.38 -3.60 16.87
CA ASP A 62 20.68 -2.33 16.73
C ASP A 62 21.65 -1.18 16.47
N ALA A 63 22.85 -1.28 17.03
CA ALA A 63 23.86 -0.25 16.85
C ALA A 63 24.51 -0.39 15.48
N GLY A 64 24.10 -1.38 14.71
CA GLY A 64 24.68 -1.56 13.37
C GLY A 64 25.87 -2.50 13.30
N ALA A 65 25.98 -3.46 14.22
CA ALA A 65 27.10 -4.40 14.18
C ALA A 65 26.87 -5.38 13.07
N SER A 66 27.93 -5.66 12.31
CA SER A 66 27.84 -6.59 11.19
C SER A 66 27.47 -7.98 11.65
N VAL A 67 26.31 -8.45 11.20
CA VAL A 67 25.81 -9.76 11.56
C VAL A 67 26.71 -10.86 11.04
N ASN A 68 27.30 -10.66 9.86
CA ASN A 68 28.17 -11.69 9.28
C ASN A 68 29.66 -11.40 9.40
N ALA A 69 30.03 -10.71 10.47
CA ALA A 69 31.42 -10.39 10.69
C ALA A 69 32.18 -11.72 10.76
N VAL A 70 33.41 -11.70 10.27
CA VAL A 70 34.21 -12.91 10.25
C VAL A 70 35.50 -12.78 11.06
N ASP A 71 35.83 -13.79 11.87
CA ASP A 71 37.08 -13.69 12.63
C ASP A 71 38.24 -14.23 11.78
N LYS A 72 39.41 -14.42 12.37
CA LYS A 72 40.51 -14.87 11.54
C LYS A 72 40.46 -16.32 11.10
N ASN A 73 39.40 -17.00 11.49
CA ASN A 73 39.20 -18.40 11.09
C ASN A 73 37.94 -18.43 10.25
N LYS A 74 37.49 -17.25 9.87
CA LYS A 74 36.29 -17.07 9.05
C LYS A 74 35.01 -17.56 9.72
N ASN A 75 34.99 -17.54 11.05
CA ASN A 75 33.78 -17.91 11.75
C ASN A 75 32.93 -16.66 11.96
N THR A 76 31.63 -16.78 11.70
CA THR A 76 30.71 -15.65 11.90
C THR A 76 30.08 -15.82 13.29
N PRO A 77 29.26 -14.85 13.71
CA PRO A 77 28.63 -14.99 15.01
C PRO A 77 27.68 -16.20 15.05
N LEU A 78 27.10 -16.53 13.89
CA LEU A 78 26.18 -17.66 13.77
C LEU A 78 26.93 -18.97 13.94
N HIS A 79 28.21 -18.98 13.61
CA HIS A 79 29.01 -20.19 13.77
C HIS A 79 29.21 -20.40 15.28
N TYR A 80 29.38 -19.30 16.01
CA TYR A 80 29.56 -19.42 17.45
C TYR A 80 28.27 -19.82 18.13
N ALA A 81 27.18 -19.12 17.82
CA ALA A 81 25.89 -19.45 18.42
C ALA A 81 25.60 -20.93 18.17
N ALA A 82 25.63 -21.32 16.89
CA ALA A 82 25.34 -22.69 16.48
C ALA A 82 26.22 -23.71 17.18
N GLY A 83 27.53 -23.48 17.11
CA GLY A 83 28.47 -24.38 17.72
C GLY A 83 28.34 -24.54 19.23
N TYR A 84 27.92 -23.49 19.92
CA TYR A 84 27.79 -23.63 21.36
C TYR A 84 26.36 -23.81 21.82
N GLY A 85 25.49 -24.06 20.84
CA GLY A 85 24.08 -24.28 21.11
C GLY A 85 23.31 -23.20 21.83
N ARG A 86 23.43 -21.96 21.35
CA ARG A 86 22.71 -20.83 21.93
C ARG A 86 21.56 -20.49 20.97
N LYS A 87 20.53 -21.34 21.03
CA LYS A 87 19.35 -21.24 20.16
C LYS A 87 18.71 -19.88 19.94
N GLU A 88 18.51 -19.13 21.02
CA GLU A 88 17.87 -17.81 20.86
C GLU A 88 18.74 -16.90 20.03
N CYS A 89 20.04 -16.92 20.28
CA CYS A 89 20.95 -16.09 19.51
C CYS A 89 20.96 -16.53 18.04
N VAL A 90 20.74 -17.82 17.80
CA VAL A 90 20.68 -18.35 16.43
C VAL A 90 19.49 -17.73 15.72
N SER A 91 18.33 -17.75 16.38
CA SER A 91 17.12 -17.19 15.80
C SER A 91 17.30 -15.71 15.54
N LEU A 92 17.82 -14.99 16.53
CA LEU A 92 18.05 -13.55 16.43
C LEU A 92 18.93 -13.22 15.24
N LEU A 93 19.98 -14.01 15.04
CA LEU A 93 20.88 -13.78 13.92
C LEU A 93 20.22 -14.08 12.58
N LEU A 94 19.43 -15.16 12.55
CA LEU A 94 18.71 -15.55 11.34
C LEU A 94 17.70 -14.48 10.93
N GLU A 95 16.99 -13.91 11.91
CA GLU A 95 15.99 -12.87 11.63
C GLU A 95 16.65 -11.61 11.13
N ASN A 96 17.95 -11.46 11.36
CA ASN A 96 18.67 -10.28 10.93
C ASN A 96 19.63 -10.51 9.80
N GLY A 97 19.29 -11.46 8.93
CA GLY A 97 20.09 -11.73 7.76
C GLY A 97 21.42 -12.42 7.97
N ALA A 98 21.52 -13.35 8.90
CA ALA A 98 22.79 -14.03 9.08
C ALA A 98 22.87 -15.14 8.03
N ALA A 99 23.91 -15.07 7.19
CA ALA A 99 24.14 -16.01 6.09
C ALA A 99 24.43 -17.45 6.51
N VAL A 100 23.44 -18.32 6.41
CA VAL A 100 23.62 -19.71 6.82
C VAL A 100 24.55 -20.58 5.95
N THR A 101 24.98 -20.05 4.81
CA THR A 101 25.86 -20.79 3.90
C THR A 101 27.33 -20.40 3.96
N LEU A 102 27.67 -19.35 4.70
CA LEU A 102 29.06 -18.92 4.79
C LEU A 102 29.91 -20.05 5.36
N GLN A 103 31.07 -20.27 4.75
CA GLN A 103 31.92 -21.35 5.19
C GLN A 103 33.21 -21.00 5.93
N ASN A 104 33.48 -21.82 6.94
CA ASN A 104 34.65 -21.75 7.81
C ASN A 104 35.94 -21.92 7.02
N LEU A 105 37.08 -21.64 7.64
CA LEU A 105 38.34 -21.87 6.94
C LEU A 105 38.45 -23.37 6.78
N ASP A 106 37.69 -24.08 7.62
CA ASP A 106 37.65 -25.53 7.59
C ASP A 106 36.49 -26.02 6.71
N GLU A 107 36.01 -25.11 5.86
CA GLU A 107 34.89 -25.38 4.94
C GLU A 107 33.55 -25.69 5.60
N LYS A 108 33.46 -25.47 6.92
CA LYS A 108 32.24 -25.74 7.65
C LYS A 108 31.27 -24.56 7.71
N THR A 109 29.99 -24.84 7.55
CA THR A 109 28.96 -23.81 7.63
C THR A 109 28.49 -23.79 9.10
N PRO A 110 27.63 -22.83 9.47
CA PRO A 110 27.22 -22.87 10.88
C PRO A 110 26.50 -24.19 11.22
N ILE A 111 25.74 -24.70 10.26
CA ILE A 111 25.00 -25.95 10.44
C ILE A 111 25.98 -27.10 10.64
N ASP A 112 27.05 -27.15 9.83
CA ASP A 112 28.04 -28.22 9.94
C ASP A 112 28.61 -28.21 11.35
N VAL A 113 28.92 -27.00 11.82
CA VAL A 113 29.47 -26.79 13.15
C VAL A 113 28.46 -27.31 14.19
N ALA A 114 27.19 -26.95 14.03
CA ALA A 114 26.20 -27.40 15.00
C ALA A 114 26.16 -28.94 15.01
N LYS A 115 26.22 -29.53 13.83
CA LYS A 115 26.23 -30.98 13.68
C LYS A 115 27.41 -31.68 14.34
N LEU A 116 28.60 -31.09 14.19
CA LEU A 116 29.81 -31.68 14.77
C LEU A 116 29.79 -31.60 16.29
N ASN A 117 29.16 -30.56 16.82
CA ASN A 117 29.10 -30.38 18.27
C ASN A 117 27.84 -30.99 18.86
N SER A 118 27.20 -31.87 18.10
CA SER A 118 26.01 -32.55 18.55
C SER A 118 24.79 -31.68 18.84
N GLN A 119 24.81 -30.45 18.36
CA GLN A 119 23.72 -29.52 18.60
C GLN A 119 22.49 -29.89 17.75
N LEU A 120 21.94 -31.07 18.04
CA LEU A 120 20.78 -31.57 17.32
C LEU A 120 19.61 -30.59 17.19
N GLU A 121 19.25 -29.92 18.29
CA GLU A 121 18.15 -28.97 18.26
C GLU A 121 18.50 -27.77 17.37
N VAL A 122 19.71 -27.24 17.51
CA VAL A 122 20.16 -26.10 16.71
C VAL A 122 20.10 -26.43 15.22
N VAL A 123 20.40 -27.69 14.87
CA VAL A 123 20.35 -28.10 13.48
C VAL A 123 18.92 -27.98 12.95
N LYS A 124 17.95 -28.53 13.69
CA LYS A 124 16.55 -28.48 13.27
C LYS A 124 16.10 -27.01 13.13
N LEU A 125 16.65 -26.17 14.00
CA LEU A 125 16.32 -24.76 14.00
C LEU A 125 16.91 -24.05 12.76
N LEU A 126 18.09 -24.46 12.35
CA LEU A 126 18.72 -23.86 11.18
C LEU A 126 18.11 -24.37 9.89
N GLU A 127 17.59 -25.60 9.95
CA GLU A 127 16.94 -26.25 8.82
C GLU A 127 15.58 -25.61 8.65
N LYS A 128 14.80 -25.60 9.73
CA LYS A 128 13.46 -25.02 9.74
C LYS A 128 13.47 -23.70 8.99
N ASP A 129 14.41 -22.84 9.36
CA ASP A 129 14.54 -21.53 8.72
C ASP A 129 14.44 -21.58 7.20
N ALA A 130 15.36 -22.33 6.59
CA ALA A 130 15.45 -22.47 5.14
C ALA A 130 14.10 -22.69 4.41
N GLU B 9 4.13 -7.14 -38.41
CA GLU B 9 3.66 -8.49 -38.87
C GLU B 9 2.60 -9.12 -37.97
N SER B 10 2.79 -9.02 -36.66
CA SER B 10 1.85 -9.60 -35.70
C SER B 10 0.75 -8.58 -35.42
N ILE B 11 -0.49 -8.94 -35.74
CA ILE B 11 -1.60 -8.03 -35.51
C ILE B 11 -2.02 -8.06 -34.04
N VAL B 12 -1.77 -9.19 -33.38
CA VAL B 12 -2.12 -9.34 -31.98
C VAL B 12 -1.15 -8.52 -31.14
N HIS B 13 0.13 -8.53 -31.52
CA HIS B 13 1.14 -7.78 -30.78
C HIS B 13 0.97 -6.27 -30.99
N GLN B 14 0.77 -5.87 -32.23
CA GLN B 14 0.60 -4.47 -32.58
C GLN B 14 -0.63 -3.80 -31.97
N THR B 15 -1.78 -4.47 -31.99
CA THR B 15 -2.99 -3.90 -31.41
C THR B 15 -2.85 -3.77 -29.90
N ALA B 16 -2.32 -4.82 -29.26
CA ALA B 16 -2.12 -4.80 -27.81
C ALA B 16 -1.20 -3.63 -27.42
N SER B 17 -0.04 -3.57 -28.06
CA SER B 17 0.98 -2.55 -27.83
C SER B 17 0.43 -1.14 -27.89
N LEU B 18 -0.37 -0.87 -28.91
CA LEU B 18 -0.94 0.46 -29.09
C LEU B 18 -2.26 0.72 -28.33
N GLY B 19 -2.69 -0.24 -27.52
CA GLY B 19 -3.92 -0.02 -26.79
C GLY B 19 -5.17 -0.08 -27.65
N ASP B 20 -5.08 -0.77 -28.78
CA ASP B 20 -6.23 -0.91 -29.68
C ASP B 20 -7.11 -2.08 -29.24
N VAL B 21 -7.92 -1.85 -28.20
CA VAL B 21 -8.79 -2.88 -27.65
C VAL B 21 -9.74 -3.56 -28.65
N GLU B 22 -10.33 -2.77 -29.54
CA GLU B 22 -11.23 -3.34 -30.54
C GLU B 22 -10.42 -4.13 -31.57
N GLY B 23 -9.33 -3.55 -32.05
CA GLY B 23 -8.48 -4.25 -32.99
C GLY B 23 -8.08 -5.58 -32.39
N LEU B 24 -7.63 -5.57 -31.15
CA LEU B 24 -7.19 -6.80 -30.48
C LEU B 24 -8.27 -7.87 -30.45
N LYS B 25 -9.44 -7.51 -29.93
CA LYS B 25 -10.56 -8.45 -29.86
C LYS B 25 -10.89 -9.03 -31.22
N ALA B 26 -10.89 -8.17 -32.23
CA ALA B 26 -11.17 -8.59 -33.60
C ALA B 26 -10.12 -9.64 -34.00
N ALA B 27 -8.85 -9.26 -33.89
CA ALA B 27 -7.75 -10.14 -34.24
C ALA B 27 -7.86 -11.50 -33.53
N LEU B 28 -8.21 -11.51 -32.25
CA LEU B 28 -8.32 -12.77 -31.54
C LEU B 28 -9.56 -13.57 -31.97
N ALA B 29 -10.57 -12.87 -32.46
CA ALA B 29 -11.79 -13.50 -32.96
C ALA B 29 -11.38 -14.14 -34.29
N SER B 30 -10.84 -13.32 -35.18
CA SER B 30 -10.39 -13.75 -36.52
C SER B 30 -9.62 -15.08 -36.50
N GLY B 31 -8.96 -15.36 -35.39
CA GLY B 31 -8.18 -16.58 -35.33
C GLY B 31 -6.74 -16.22 -34.96
N GLY B 32 -6.57 -15.08 -34.28
CA GLY B 32 -5.25 -14.65 -33.85
C GLY B 32 -4.92 -15.42 -32.59
N ASN B 33 -3.66 -15.77 -32.39
CA ASN B 33 -3.33 -16.54 -31.18
C ASN B 33 -2.82 -15.63 -30.07
N LYS B 34 -3.45 -15.69 -28.91
CA LYS B 34 -3.06 -14.83 -27.79
C LYS B 34 -1.70 -15.23 -27.18
N ASP B 35 -1.22 -16.41 -27.52
CA ASP B 35 0.06 -16.89 -27.00
C ASP B 35 1.18 -16.69 -28.00
N GLU B 36 0.89 -16.01 -29.09
CA GLU B 36 1.89 -15.75 -30.11
C GLU B 36 3.12 -15.09 -29.46
N GLU B 37 4.30 -15.57 -29.84
CA GLU B 37 5.56 -15.05 -29.34
C GLU B 37 6.29 -14.36 -30.46
N ASP B 38 7.22 -13.49 -30.13
CA ASP B 38 8.02 -12.87 -31.17
C ASP B 38 9.37 -13.59 -31.06
N SER B 39 10.35 -13.23 -31.88
CA SER B 39 11.64 -13.93 -31.84
C SER B 39 12.37 -13.90 -30.49
N GLU B 40 11.87 -13.12 -29.55
CA GLU B 40 12.49 -13.00 -28.24
C GLU B 40 11.58 -13.63 -27.18
N GLY B 41 10.63 -14.44 -27.63
CA GLY B 41 9.71 -15.11 -26.73
C GLY B 41 8.75 -14.20 -25.96
N ARG B 42 8.49 -13.01 -26.49
CA ARG B 42 7.59 -12.09 -25.82
C ARG B 42 6.21 -12.20 -26.41
N THR B 43 5.20 -12.29 -25.54
CA THR B 43 3.81 -12.39 -25.98
C THR B 43 3.17 -10.99 -25.89
N ALA B 44 1.98 -10.86 -26.47
CA ALA B 44 1.24 -9.60 -26.46
C ALA B 44 1.02 -9.12 -25.01
N LEU B 45 0.89 -10.07 -24.07
CA LEU B 45 0.68 -9.68 -22.68
C LEU B 45 1.95 -9.06 -22.09
N HIS B 46 3.12 -9.44 -22.61
CA HIS B 46 4.36 -8.85 -22.11
C HIS B 46 4.31 -7.37 -22.52
N PHE B 47 4.02 -7.13 -23.79
CA PHE B 47 3.96 -5.76 -24.31
C PHE B 47 2.88 -4.92 -23.65
N ALA B 48 1.66 -5.44 -23.58
CA ALA B 48 0.58 -4.68 -22.97
C ALA B 48 0.97 -4.23 -21.57
N CYS B 49 1.54 -5.13 -20.79
CA CYS B 49 1.91 -4.81 -19.41
C CYS B 49 3.16 -3.94 -19.33
N GLY B 50 4.01 -4.03 -20.35
CA GLY B 50 5.20 -3.23 -20.36
C GLY B 50 4.89 -1.81 -20.79
N TYR B 51 3.80 -1.62 -21.54
CA TYR B 51 3.42 -0.27 -21.96
C TYR B 51 2.28 0.30 -21.15
N GLY B 52 1.76 -0.49 -20.21
CA GLY B 52 0.65 -0.04 -19.37
C GLY B 52 -0.71 0.05 -20.05
N GLU B 53 -0.99 -0.86 -20.98
CA GLU B 53 -2.28 -0.90 -21.66
C GLU B 53 -3.11 -1.92 -20.89
N LEU B 54 -3.77 -1.44 -19.84
CA LEU B 54 -4.57 -2.27 -18.95
C LEU B 54 -5.67 -3.04 -19.64
N LYS B 55 -6.49 -2.35 -20.42
CA LYS B 55 -7.62 -2.99 -21.10
C LYS B 55 -7.20 -4.07 -22.10
N CYS B 56 -6.11 -3.85 -22.83
CA CYS B 56 -5.66 -4.87 -23.76
C CYS B 56 -5.11 -6.06 -22.98
N ALA B 57 -4.55 -5.79 -21.80
CA ALA B 57 -4.01 -6.84 -20.98
C ALA B 57 -5.13 -7.70 -20.37
N GLN B 58 -6.28 -7.08 -20.15
CA GLN B 58 -7.43 -7.75 -19.56
C GLN B 58 -8.03 -8.67 -20.62
N VAL B 59 -8.10 -8.14 -21.85
CA VAL B 59 -8.62 -8.90 -22.98
C VAL B 59 -7.78 -10.17 -23.10
N LEU B 60 -6.46 -9.99 -23.18
CA LEU B 60 -5.53 -11.10 -23.29
C LEU B 60 -5.72 -12.12 -22.18
N ILE B 61 -5.88 -11.64 -20.96
CA ILE B 61 -6.09 -12.52 -19.82
C ILE B 61 -7.41 -13.27 -20.01
N ASP B 62 -8.47 -12.54 -20.37
CA ASP B 62 -9.78 -13.16 -20.57
C ASP B 62 -9.77 -14.20 -21.69
N ALA B 63 -8.87 -14.05 -22.66
CA ALA B 63 -8.79 -15.00 -23.76
C ALA B 63 -7.98 -16.23 -23.37
N GLY B 64 -7.43 -16.22 -22.16
CA GLY B 64 -6.65 -17.35 -21.69
C GLY B 64 -5.14 -17.19 -21.77
N ALA B 65 -4.64 -16.00 -22.07
CA ALA B 65 -3.20 -15.81 -22.15
C ALA B 65 -2.57 -16.19 -20.83
N SER B 66 -1.40 -16.79 -20.89
CA SER B 66 -0.69 -17.20 -19.68
C SER B 66 -0.07 -15.99 -18.98
N VAL B 67 -0.47 -15.79 -17.73
CA VAL B 67 0.01 -14.66 -16.93
C VAL B 67 1.50 -14.74 -16.58
N ASN B 68 2.01 -15.96 -16.46
CA ASN B 68 3.41 -16.15 -16.12
C ASN B 68 4.28 -16.53 -17.30
N ALA B 69 3.83 -16.22 -18.51
CA ALA B 69 4.59 -16.51 -19.71
C ALA B 69 5.99 -15.89 -19.56
N VAL B 70 6.99 -16.60 -20.07
CA VAL B 70 8.37 -16.18 -19.98
C VAL B 70 8.95 -15.91 -21.36
N ASP B 71 9.81 -14.90 -21.46
CA ASP B 71 10.44 -14.64 -22.73
C ASP B 71 11.79 -15.37 -22.72
N LYS B 72 12.67 -15.07 -23.67
CA LYS B 72 13.94 -15.76 -23.68
C LYS B 72 14.91 -15.34 -22.58
N ASN B 73 14.54 -14.33 -21.81
CA ASN B 73 15.39 -13.86 -20.72
C ASN B 73 14.74 -14.31 -19.41
N LYS B 74 13.64 -15.04 -19.54
CA LYS B 74 12.89 -15.54 -18.39
C LYS B 74 12.10 -14.44 -17.66
N ASN B 75 11.75 -13.39 -18.39
CA ASN B 75 10.98 -12.27 -17.85
C ASN B 75 9.49 -12.52 -18.06
N THR B 76 8.70 -12.39 -16.99
CA THR B 76 7.25 -12.59 -17.08
C THR B 76 6.62 -11.23 -17.32
N PRO B 77 5.31 -11.21 -17.61
CA PRO B 77 4.62 -9.92 -17.83
C PRO B 77 4.72 -9.02 -16.60
N LEU B 78 4.87 -9.64 -15.43
CA LEU B 78 4.98 -8.90 -14.17
C LEU B 78 6.35 -8.26 -14.03
N HIS B 79 7.36 -8.80 -14.71
CA HIS B 79 8.69 -8.20 -14.67
C HIS B 79 8.63 -6.92 -15.49
N TYR B 80 7.91 -6.98 -16.61
CA TYR B 80 7.76 -5.84 -17.50
C TYR B 80 6.98 -4.72 -16.81
N ALA B 81 5.79 -5.05 -16.32
CA ALA B 81 4.93 -4.09 -15.65
C ALA B 81 5.64 -3.43 -14.47
N ALA B 82 6.35 -4.23 -13.68
CA ALA B 82 7.05 -3.71 -12.52
C ALA B 82 8.23 -2.81 -12.94
N GLY B 83 9.06 -3.33 -13.83
CA GLY B 83 10.22 -2.60 -14.30
C GLY B 83 9.96 -1.27 -14.99
N TYR B 84 8.83 -1.16 -15.67
CA TYR B 84 8.48 0.08 -16.35
C TYR B 84 7.44 0.88 -15.59
N GLY B 85 7.19 0.48 -14.34
CA GLY B 85 6.27 1.20 -13.48
C GLY B 85 4.83 1.36 -13.90
N ARG B 86 4.25 0.31 -14.47
CA ARG B 86 2.85 0.35 -14.91
C ARG B 86 2.04 -0.33 -13.81
N LYS B 87 1.78 0.44 -12.75
CA LYS B 87 1.07 -0.01 -11.56
C LYS B 87 -0.23 -0.78 -11.77
N GLU B 88 -1.18 -0.21 -12.51
CA GLU B 88 -2.46 -0.89 -12.74
C GLU B 88 -2.25 -2.29 -13.36
N CYS B 89 -1.27 -2.42 -14.24
CA CYS B 89 -1.01 -3.71 -14.86
C CYS B 89 -0.41 -4.65 -13.78
N VAL B 90 0.29 -4.08 -12.81
CA VAL B 90 0.86 -4.91 -11.77
C VAL B 90 -0.27 -5.50 -10.92
N SER B 91 -1.24 -4.69 -10.55
CA SER B 91 -2.37 -5.16 -9.76
C SER B 91 -3.26 -6.12 -10.55
N LEU B 92 -3.38 -5.88 -11.85
CA LEU B 92 -4.18 -6.75 -12.74
C LEU B 92 -3.53 -8.14 -12.72
N LEU B 93 -2.21 -8.16 -12.96
CA LEU B 93 -1.45 -9.40 -12.96
C LEU B 93 -1.47 -10.11 -11.61
N LEU B 94 -1.38 -9.34 -10.51
CA LEU B 94 -1.39 -9.95 -9.19
C LEU B 94 -2.74 -10.58 -8.87
N GLU B 95 -3.81 -9.94 -9.29
CA GLU B 95 -5.14 -10.46 -9.03
C GLU B 95 -5.37 -11.73 -9.84
N ASN B 96 -4.62 -11.88 -10.93
CA ASN B 96 -4.78 -13.05 -11.77
C ASN B 96 -3.67 -14.08 -11.64
N GLY B 97 -3.19 -14.27 -10.41
CA GLY B 97 -2.15 -15.25 -10.14
C GLY B 97 -0.77 -15.07 -10.72
N ALA B 98 -0.30 -13.85 -10.87
CA ALA B 98 1.05 -13.66 -11.39
C ALA B 98 1.97 -14.09 -10.24
N ALA B 99 2.98 -14.89 -10.56
CA ALA B 99 3.94 -15.38 -9.56
C ALA B 99 4.99 -14.31 -9.26
N VAL B 100 4.93 -13.74 -8.06
CA VAL B 100 5.86 -12.68 -7.69
C VAL B 100 7.26 -13.16 -7.27
N THR B 101 7.47 -14.47 -7.25
CA THR B 101 8.77 -15.03 -6.85
C THR B 101 9.59 -15.55 -8.03
N LEU B 102 8.99 -15.59 -9.22
CA LEU B 102 9.70 -16.07 -10.40
C LEU B 102 10.93 -15.22 -10.69
N GLN B 103 12.05 -15.87 -10.97
CA GLN B 103 13.30 -15.16 -11.22
C GLN B 103 13.77 -15.03 -12.66
N ASN B 104 14.43 -13.91 -12.90
CA ASN B 104 15.00 -13.53 -14.17
C ASN B 104 16.17 -14.44 -14.46
N LEU B 105 16.72 -14.36 -15.67
CA LEU B 105 17.91 -15.14 -15.99
C LEU B 105 18.98 -14.50 -15.12
N ASP B 106 18.77 -13.22 -14.83
CA ASP B 106 19.67 -12.43 -14.00
C ASP B 106 19.33 -12.65 -12.52
N GLU B 107 18.54 -13.68 -12.25
CA GLU B 107 18.12 -14.01 -10.89
C GLU B 107 17.35 -12.91 -10.17
N LYS B 108 16.68 -12.07 -10.96
CA LYS B 108 15.91 -10.96 -10.42
C LYS B 108 14.41 -11.30 -10.42
N THR B 109 13.72 -10.93 -9.35
CA THR B 109 12.28 -11.15 -9.33
C THR B 109 11.65 -9.84 -9.79
N PRO B 110 10.34 -9.85 -10.06
CA PRO B 110 9.71 -8.61 -10.51
C PRO B 110 10.02 -7.43 -9.57
N ILE B 111 9.92 -7.69 -8.27
CA ILE B 111 10.17 -6.63 -7.30
C ILE B 111 11.61 -6.11 -7.32
N ASP B 112 12.57 -6.98 -7.67
CA ASP B 112 13.98 -6.59 -7.75
C ASP B 112 14.16 -5.65 -8.93
N VAL B 113 13.49 -6.00 -10.03
CA VAL B 113 13.56 -5.18 -11.22
C VAL B 113 12.99 -3.81 -10.88
N ALA B 114 11.83 -3.81 -10.23
CA ALA B 114 11.17 -2.56 -9.86
C ALA B 114 12.12 -1.71 -9.06
N LYS B 115 12.83 -2.34 -8.13
CA LYS B 115 13.76 -1.65 -7.26
C LYS B 115 14.93 -1.08 -8.04
N LEU B 116 15.46 -1.86 -8.97
CA LEU B 116 16.59 -1.44 -9.80
C LEU B 116 16.21 -0.33 -10.78
N ASN B 117 14.92 -0.20 -11.10
CA ASN B 117 14.48 0.84 -12.02
C ASN B 117 13.85 2.02 -11.30
N SER B 118 14.08 2.10 -9.99
CA SER B 118 13.58 3.19 -9.16
C SER B 118 12.06 3.28 -9.13
N GLN B 119 11.36 2.16 -9.27
CA GLN B 119 9.90 2.21 -9.23
C GLN B 119 9.38 2.06 -7.81
N LEU B 120 9.75 3.01 -6.97
CA LEU B 120 9.38 3.05 -5.55
C LEU B 120 7.91 2.75 -5.28
N GLU B 121 7.00 3.30 -6.07
CA GLU B 121 5.59 3.03 -5.83
C GLU B 121 5.24 1.57 -6.15
N VAL B 122 5.80 1.04 -7.24
CA VAL B 122 5.53 -0.34 -7.60
C VAL B 122 5.98 -1.26 -6.49
N VAL B 123 7.15 -0.98 -5.91
CA VAL B 123 7.69 -1.78 -4.81
C VAL B 123 6.67 -1.84 -3.64
N LYS B 124 6.22 -0.69 -3.17
CA LYS B 124 5.24 -0.66 -2.09
C LYS B 124 4.00 -1.49 -2.44
N LEU B 125 3.62 -1.42 -3.72
CA LEU B 125 2.46 -2.14 -4.23
C LEU B 125 2.70 -3.65 -4.21
N LEU B 126 3.89 -4.09 -4.65
CA LEU B 126 4.19 -5.51 -4.65
C LEU B 126 4.31 -5.99 -3.21
N GLU B 127 4.85 -5.15 -2.33
CA GLU B 127 5.00 -5.53 -0.92
C GLU B 127 3.65 -5.67 -0.23
N LYS B 128 2.74 -4.74 -0.49
CA LYS B 128 1.41 -4.76 0.10
C LYS B 128 0.69 -6.07 -0.22
N ASP B 129 0.76 -6.49 -1.48
CA ASP B 129 0.12 -7.72 -1.94
C ASP B 129 0.45 -8.92 -1.06
N ALA B 130 1.76 -9.19 -0.90
CA ALA B 130 2.22 -10.32 -0.08
C ALA B 130 2.15 -10.03 1.42
N GLU C 9 24.50 0.23 -13.97
CA GLU C 9 25.81 -0.45 -13.71
C GLU C 9 26.48 0.01 -12.41
N SER C 10 25.75 0.72 -11.56
CA SER C 10 26.29 1.18 -10.30
C SER C 10 26.11 0.12 -9.21
N ILE C 11 27.22 -0.50 -8.80
CA ILE C 11 27.19 -1.56 -7.79
C ILE C 11 26.73 -1.02 -6.44
N VAL C 12 27.18 0.18 -6.07
CA VAL C 12 26.76 0.77 -4.79
C VAL C 12 25.22 0.94 -4.77
N HIS C 13 24.67 1.51 -5.83
CA HIS C 13 23.22 1.69 -5.86
C HIS C 13 22.45 0.37 -5.87
N GLN C 14 22.89 -0.61 -6.65
CA GLN C 14 22.20 -1.91 -6.74
C GLN C 14 22.17 -2.70 -5.45
N THR C 15 23.33 -2.83 -4.81
CA THR C 15 23.44 -3.54 -3.56
C THR C 15 22.63 -2.83 -2.46
N ALA C 16 22.68 -1.51 -2.42
CA ALA C 16 21.92 -0.77 -1.42
C ALA C 16 20.41 -0.95 -1.65
N SER C 17 19.98 -0.89 -2.90
CA SER C 17 18.57 -1.06 -3.24
C SER C 17 17.98 -2.43 -2.93
N LEU C 18 18.80 -3.47 -3.04
CA LEU C 18 18.36 -4.84 -2.79
C LEU C 18 18.63 -5.36 -1.39
N GLY C 19 19.08 -4.47 -0.51
CA GLY C 19 19.37 -4.84 0.87
C GLY C 19 20.56 -5.77 1.03
N ASP C 20 21.46 -5.74 0.07
CA ASP C 20 22.68 -6.56 0.07
C ASP C 20 23.78 -5.83 0.84
N VAL C 21 23.72 -5.91 2.18
CA VAL C 21 24.69 -5.25 3.05
C VAL C 21 26.14 -5.66 2.75
N GLU C 22 26.39 -6.97 2.65
CA GLU C 22 27.74 -7.45 2.38
C GLU C 22 28.21 -6.82 1.07
N GLY C 23 27.47 -7.10 0.01
CA GLY C 23 27.81 -6.55 -1.29
C GLY C 23 28.06 -5.06 -1.31
N LEU C 24 27.38 -4.34 -0.44
CA LEU C 24 27.51 -2.89 -0.32
C LEU C 24 28.85 -2.55 0.31
N LYS C 25 29.13 -3.18 1.43
CA LYS C 25 30.36 -2.97 2.18
C LYS C 25 31.55 -3.35 1.30
N ALA C 26 31.45 -4.45 0.59
CA ALA C 26 32.53 -4.85 -0.30
C ALA C 26 32.73 -3.78 -1.38
N ALA C 27 31.64 -3.36 -2.03
CA ALA C 27 31.73 -2.34 -3.07
C ALA C 27 32.38 -1.06 -2.58
N LEU C 28 32.01 -0.61 -1.39
CA LEU C 28 32.57 0.60 -0.81
C LEU C 28 34.06 0.41 -0.52
N ALA C 29 34.40 -0.79 -0.05
CA ALA C 29 35.77 -1.11 0.28
C ALA C 29 36.60 -1.08 -1.01
N SER C 30 36.14 -1.79 -2.03
CA SER C 30 36.86 -1.81 -3.28
C SER C 30 36.68 -0.55 -4.13
N GLY C 31 36.79 0.59 -3.46
CA GLY C 31 36.68 1.88 -4.11
C GLY C 31 35.37 2.26 -4.77
N GLY C 32 34.26 2.04 -4.07
CA GLY C 32 32.97 2.42 -4.60
C GLY C 32 32.74 3.77 -3.96
N ASN C 33 32.00 4.65 -4.60
CA ASN C 33 31.77 5.98 -4.05
C ASN C 33 30.38 6.06 -3.41
N LYS C 34 30.33 6.30 -2.10
CA LYS C 34 29.04 6.39 -1.41
C LYS C 34 28.22 7.64 -1.78
N ASP C 35 28.80 8.55 -2.57
CA ASP C 35 28.05 9.73 -3.00
C ASP C 35 27.75 9.65 -4.49
N GLU C 36 27.94 8.48 -5.08
CA GLU C 36 27.64 8.28 -6.48
C GLU C 36 26.18 8.66 -6.76
N GLU C 37 25.95 9.40 -7.84
CA GLU C 37 24.60 9.81 -8.18
C GLU C 37 24.21 9.13 -9.49
N ASP C 38 22.91 9.01 -9.74
CA ASP C 38 22.48 8.45 -11.00
C ASP C 38 22.15 9.67 -11.88
N SER C 39 21.58 9.46 -13.05
CA SER C 39 21.27 10.58 -13.92
C SER C 39 20.28 11.57 -13.29
N GLU C 40 19.49 11.10 -12.32
CA GLU C 40 18.49 11.95 -11.65
C GLU C 40 19.03 12.58 -10.37
N GLY C 41 20.31 12.39 -10.08
CA GLY C 41 20.88 12.96 -8.87
C GLY C 41 20.66 12.17 -7.60
N ARG C 42 20.10 10.98 -7.72
CA ARG C 42 19.84 10.16 -6.56
C ARG C 42 21.12 9.48 -6.10
N THR C 43 21.25 9.28 -4.80
CA THR C 43 22.40 8.57 -4.24
C THR C 43 21.87 7.25 -3.72
N ALA C 44 22.79 6.34 -3.39
CA ALA C 44 22.45 5.03 -2.85
C ALA C 44 21.58 5.21 -1.61
N LEU C 45 21.86 6.25 -0.84
CA LEU C 45 21.12 6.51 0.37
C LEU C 45 19.64 6.82 0.08
N HIS C 46 19.36 7.57 -0.99
CA HIS C 46 17.96 7.88 -1.35
C HIS C 46 17.22 6.55 -1.55
N PHE C 47 17.78 5.68 -2.37
CA PHE C 47 17.20 4.37 -2.65
C PHE C 47 17.03 3.52 -1.39
N ALA C 48 18.09 3.37 -0.59
CA ALA C 48 18.00 2.57 0.63
C ALA C 48 16.84 3.03 1.49
N CYS C 49 16.76 4.34 1.71
CA CYS C 49 15.68 4.88 2.53
C CYS C 49 14.31 4.79 1.88
N GLY C 50 14.28 4.86 0.55
CA GLY C 50 13.01 4.77 -0.17
C GLY C 50 12.45 3.35 -0.13
N TYR C 51 13.35 2.38 -0.06
CA TYR C 51 12.97 0.97 -0.06
C TYR C 51 12.94 0.40 1.36
N GLY C 52 13.36 1.21 2.33
CA GLY C 52 13.36 0.74 3.71
C GLY C 52 14.46 -0.24 4.08
N GLU C 53 15.62 -0.11 3.45
CA GLU C 53 16.76 -0.98 3.73
C GLU C 53 17.60 -0.27 4.79
N LEU C 54 17.17 -0.40 6.04
CA LEU C 54 17.81 0.23 7.20
C LEU C 54 19.30 -0.04 7.38
N LYS C 55 19.68 -1.31 7.35
CA LYS C 55 21.07 -1.68 7.52
C LYS C 55 21.95 -1.07 6.42
N CYS C 56 21.51 -1.14 5.16
CA CYS C 56 22.29 -0.57 4.08
C CYS C 56 22.37 0.95 4.24
N ALA C 57 21.31 1.54 4.79
CA ALA C 57 21.27 2.99 4.99
C ALA C 57 22.31 3.37 6.04
N GLN C 58 22.37 2.59 7.12
CA GLN C 58 23.35 2.83 8.18
C GLN C 58 24.78 2.74 7.63
N VAL C 59 25.04 1.73 6.80
CA VAL C 59 26.35 1.52 6.18
C VAL C 59 26.76 2.76 5.42
N LEU C 60 25.82 3.30 4.66
CA LEU C 60 26.08 4.49 3.86
C LEU C 60 26.31 5.72 4.75
N ILE C 61 25.53 5.86 5.81
CA ILE C 61 25.70 7.00 6.71
C ILE C 61 27.03 6.86 7.45
N ASP C 62 27.41 5.62 7.80
CA ASP C 62 28.68 5.38 8.49
C ASP C 62 29.86 5.72 7.56
N ALA C 63 29.69 5.49 6.26
CA ALA C 63 30.74 5.78 5.29
C ALA C 63 30.78 7.27 4.90
N GLY C 64 30.02 8.09 5.62
CA GLY C 64 29.98 9.51 5.36
C GLY C 64 29.10 10.02 4.25
N ALA C 65 28.03 9.30 3.94
CA ALA C 65 27.09 9.72 2.91
C ALA C 65 26.32 10.92 3.46
N SER C 66 25.98 11.88 2.60
CA SER C 66 25.23 13.06 3.02
C SER C 66 23.78 12.68 3.32
N VAL C 67 23.32 12.99 4.52
CA VAL C 67 21.96 12.69 4.93
C VAL C 67 20.95 13.63 4.28
N ASN C 68 21.42 14.78 3.80
CA ASN C 68 20.51 15.73 3.17
C ASN C 68 20.78 15.94 1.68
N ALA C 69 21.42 14.94 1.07
CA ALA C 69 21.71 14.96 -0.35
C ALA C 69 20.41 15.24 -1.08
N VAL C 70 20.49 16.00 -2.16
CA VAL C 70 19.28 16.34 -2.88
C VAL C 70 19.33 15.91 -4.37
N ASP C 71 18.29 15.19 -4.82
CA ASP C 71 18.28 14.77 -6.21
C ASP C 71 17.88 15.97 -7.05
N LYS C 72 17.67 15.75 -8.34
CA LYS C 72 17.32 16.83 -9.24
C LYS C 72 15.95 17.46 -9.02
N ASN C 73 15.12 16.86 -8.18
CA ASN C 73 13.79 17.40 -7.89
C ASN C 73 13.85 17.98 -6.48
N LYS C 74 15.05 18.01 -5.95
CA LYS C 74 15.34 18.53 -4.62
C LYS C 74 14.78 17.66 -3.48
N ASN C 75 14.68 16.37 -3.74
CA ASN C 75 14.21 15.44 -2.72
C ASN C 75 15.40 14.89 -1.94
N THR C 76 15.29 14.91 -0.62
CA THR C 76 16.32 14.37 0.25
C THR C 76 15.92 12.93 0.57
N PRO C 77 16.83 12.14 1.18
CA PRO C 77 16.49 10.76 1.52
C PRO C 77 15.25 10.72 2.41
N LEU C 78 15.13 11.68 3.31
CA LEU C 78 14.00 11.74 4.21
C LEU C 78 12.69 11.88 3.44
N HIS C 79 12.73 12.59 2.30
CA HIS C 79 11.53 12.74 1.48
C HIS C 79 11.13 11.33 1.02
N TYR C 80 12.12 10.56 0.56
CA TYR C 80 11.90 9.19 0.08
C TYR C 80 11.40 8.27 1.20
N ALA C 81 12.10 8.23 2.32
CA ALA C 81 11.65 7.35 3.38
C ALA C 81 10.25 7.75 3.85
N ALA C 82 9.98 9.04 4.00
CA ALA C 82 8.66 9.48 4.47
C ALA C 82 7.56 9.21 3.45
N GLY C 83 7.83 9.53 2.19
CA GLY C 83 6.82 9.31 1.15
C GLY C 83 6.45 7.85 0.92
N TYR C 84 7.34 6.92 1.22
CA TYR C 84 7.01 5.53 0.99
C TYR C 84 6.88 4.78 2.32
N GLY C 85 6.60 5.54 3.37
CA GLY C 85 6.37 4.97 4.69
C GLY C 85 7.38 4.04 5.34
N ARG C 86 8.66 4.31 5.13
CA ARG C 86 9.72 3.48 5.69
C ARG C 86 10.11 4.14 7.02
N LYS C 87 9.28 3.86 8.03
CA LYS C 87 9.43 4.45 9.36
C LYS C 87 10.78 4.32 10.04
N GLU C 88 11.40 3.14 9.98
CA GLU C 88 12.69 2.99 10.62
C GLU C 88 13.78 3.80 9.93
N CYS C 89 13.67 3.97 8.62
CA CYS C 89 14.67 4.77 7.93
C CYS C 89 14.44 6.24 8.28
N VAL C 90 13.18 6.60 8.54
CA VAL C 90 12.84 7.96 8.93
C VAL C 90 13.54 8.29 10.26
N SER C 91 13.41 7.37 11.23
CA SER C 91 14.04 7.55 12.52
C SER C 91 15.56 7.64 12.37
N LEU C 92 16.11 6.71 11.59
CA LEU C 92 17.56 6.67 11.37
C LEU C 92 18.00 8.04 10.82
N LEU C 93 17.29 8.54 9.81
CA LEU C 93 17.66 9.80 9.21
C LEU C 93 17.52 10.98 10.18
N LEU C 94 16.46 10.95 10.99
CA LEU C 94 16.23 12.00 11.98
C LEU C 94 17.33 12.03 13.04
N GLU C 95 17.74 10.86 13.52
CA GLU C 95 18.79 10.75 14.52
C GLU C 95 20.10 11.33 13.97
N ASN C 96 20.33 11.16 12.68
CA ASN C 96 21.54 11.66 12.05
C ASN C 96 21.48 13.03 11.40
N GLY C 97 20.65 13.92 11.94
CA GLY C 97 20.57 15.28 11.43
C GLY C 97 19.79 15.59 10.17
N ALA C 98 18.92 14.68 9.73
CA ALA C 98 18.12 14.93 8.53
C ALA C 98 17.30 16.23 8.73
N ALA C 99 17.32 17.11 7.75
CA ALA C 99 16.58 18.37 7.88
C ALA C 99 15.12 18.17 7.51
N VAL C 100 14.25 18.30 8.50
CA VAL C 100 12.82 18.08 8.28
C VAL C 100 12.07 19.24 7.60
N THR C 101 12.71 20.39 7.46
CA THR C 101 12.05 21.53 6.81
C THR C 101 12.43 21.76 5.35
N LEU C 102 13.42 21.02 4.85
CA LEU C 102 13.86 21.19 3.46
C LEU C 102 12.72 20.94 2.50
N GLN C 103 12.51 21.87 1.58
CA GLN C 103 11.43 21.73 0.63
C GLN C 103 11.76 21.22 -0.75
N ASN C 104 10.77 20.53 -1.30
CA ASN C 104 10.81 19.93 -2.61
C ASN C 104 10.75 20.99 -3.70
N LEU C 105 10.97 20.57 -4.94
CA LEU C 105 10.83 21.52 -6.03
C LEU C 105 9.33 21.71 -6.20
N ASP C 106 8.55 20.96 -5.42
CA ASP C 106 7.10 21.12 -5.41
C ASP C 106 6.73 21.87 -4.14
N GLU C 107 7.73 22.42 -3.45
CA GLU C 107 7.50 23.17 -2.22
C GLU C 107 6.99 22.25 -1.09
N LYS C 108 7.23 20.96 -1.24
CA LYS C 108 6.81 20.00 -0.24
C LYS C 108 7.94 19.49 0.64
N THR C 109 7.70 19.52 1.94
CA THR C 109 8.68 19.03 2.91
C THR C 109 8.44 17.52 3.02
N PRO C 110 9.34 16.78 3.69
CA PRO C 110 9.15 15.35 3.82
C PRO C 110 7.79 15.04 4.47
N ILE C 111 7.41 15.82 5.48
CA ILE C 111 6.13 15.56 6.14
C ILE C 111 4.94 15.83 5.20
N ASP C 112 5.05 16.84 4.32
CA ASP C 112 3.95 17.07 3.38
C ASP C 112 3.83 15.88 2.43
N VAL C 113 4.99 15.34 2.00
CA VAL C 113 4.95 14.19 1.10
C VAL C 113 4.35 12.98 1.80
N ALA C 114 4.64 12.83 3.09
CA ALA C 114 4.11 11.73 3.86
C ALA C 114 2.59 11.89 3.88
N LYS C 115 2.13 13.11 4.18
CA LYS C 115 0.68 13.37 4.21
C LYS C 115 0.02 12.99 2.88
N LEU C 116 0.53 13.56 1.79
CA LEU C 116 -0.02 13.30 0.47
C LEU C 116 -0.05 11.82 0.07
N ASN C 117 0.84 11.02 0.64
CA ASN C 117 0.85 9.60 0.31
C ASN C 117 0.18 8.76 1.37
N SER C 118 -0.67 9.41 2.15
CA SER C 118 -1.39 8.80 3.26
C SER C 118 -0.51 7.93 4.13
N GLN C 119 0.62 8.48 4.58
CA GLN C 119 1.51 7.75 5.50
C GLN C 119 1.24 8.33 6.89
N LEU C 120 0.03 8.10 7.37
CA LEU C 120 -0.45 8.59 8.66
C LEU C 120 0.51 8.32 9.81
N GLU C 121 1.07 7.12 9.86
CA GLU C 121 1.99 6.78 10.95
C GLU C 121 3.30 7.53 10.86
N VAL C 122 3.79 7.75 9.64
CA VAL C 122 5.04 8.48 9.44
C VAL C 122 4.85 9.93 9.88
N VAL C 123 3.67 10.47 9.65
CA VAL C 123 3.36 11.86 10.00
C VAL C 123 3.45 12.04 11.51
N LYS C 124 2.87 11.12 12.25
CA LYS C 124 2.92 11.18 13.71
C LYS C 124 4.35 11.11 14.18
N LEU C 125 5.13 10.22 13.54
CA LEU C 125 6.53 10.04 13.85
C LEU C 125 7.25 11.38 13.70
N LEU C 126 7.20 11.95 12.49
CA LEU C 126 7.86 13.22 12.22
C LEU C 126 7.40 14.31 13.20
N GLU C 127 6.12 14.31 13.56
CA GLU C 127 5.58 15.29 14.48
C GLU C 127 6.05 15.08 15.92
N LYS C 128 6.39 13.85 16.28
CA LYS C 128 6.87 13.60 17.63
C LYS C 128 8.25 14.25 17.70
N ASP C 129 9.12 13.82 16.78
CA ASP C 129 10.50 14.29 16.66
C ASP C 129 10.65 15.77 17.02
N ALA C 130 9.97 16.64 16.28
CA ALA C 130 10.05 18.08 16.55
C ALA C 130 9.57 18.38 17.98
N GLU D 9 -26.13 0.09 -26.66
CA GLU D 9 -25.73 1.36 -27.33
C GLU D 9 -25.75 2.54 -26.35
N SER D 10 -26.57 2.44 -25.31
CA SER D 10 -26.71 3.49 -24.30
C SER D 10 -25.73 3.35 -23.13
N ILE D 11 -24.64 4.10 -23.20
CA ILE D 11 -23.59 4.07 -22.17
C ILE D 11 -24.12 4.37 -20.77
N VAL D 12 -25.12 5.25 -20.68
CA VAL D 12 -25.69 5.58 -19.38
C VAL D 12 -26.35 4.33 -18.79
N HIS D 13 -27.18 3.69 -19.59
CA HIS D 13 -27.87 2.49 -19.14
C HIS D 13 -26.92 1.33 -18.81
N GLN D 14 -25.95 1.07 -19.69
CA GLN D 14 -25.01 -0.02 -19.47
C GLN D 14 -24.17 0.15 -18.19
N THR D 15 -23.56 1.31 -18.02
CA THR D 15 -22.75 1.58 -16.84
C THR D 15 -23.59 1.46 -15.55
N ALA D 16 -24.80 2.01 -15.56
CA ALA D 16 -25.67 1.93 -14.39
C ALA D 16 -26.06 0.50 -14.07
N SER D 17 -26.37 -0.28 -15.11
CA SER D 17 -26.75 -1.68 -14.94
C SER D 17 -25.62 -2.51 -14.35
N LEU D 18 -24.40 -2.31 -14.87
CA LEU D 18 -23.25 -3.08 -14.40
C LEU D 18 -22.55 -2.50 -13.17
N GLY D 19 -23.21 -1.58 -12.47
CA GLY D 19 -22.60 -1.00 -11.29
C GLY D 19 -21.28 -0.27 -11.53
N ASP D 20 -21.11 0.27 -12.74
CA ASP D 20 -19.88 0.98 -13.11
C ASP D 20 -20.07 2.46 -12.76
N VAL D 21 -19.89 2.80 -11.49
CA VAL D 21 -20.07 4.18 -11.03
C VAL D 21 -19.17 5.17 -11.79
N GLU D 22 -17.88 4.87 -11.88
CA GLU D 22 -16.96 5.76 -12.56
C GLU D 22 -17.25 5.89 -14.05
N GLY D 23 -17.80 4.84 -14.65
CA GLY D 23 -18.15 4.91 -16.07
C GLY D 23 -19.43 5.71 -16.19
N LEU D 24 -20.30 5.62 -15.19
CA LEU D 24 -21.57 6.35 -15.21
C LEU D 24 -21.29 7.85 -15.09
N LYS D 25 -20.55 8.23 -14.06
CA LYS D 25 -20.21 9.62 -13.82
C LYS D 25 -19.55 10.24 -15.06
N ALA D 26 -18.62 9.51 -15.66
CA ALA D 26 -17.92 9.98 -16.86
C ALA D 26 -18.91 10.18 -18.01
N ALA D 27 -19.80 9.20 -18.22
CA ALA D 27 -20.79 9.31 -19.30
C ALA D 27 -21.70 10.51 -19.10
N LEU D 28 -22.14 10.73 -17.86
CA LEU D 28 -23.01 11.85 -17.55
C LEU D 28 -22.27 13.17 -17.79
N ALA D 29 -21.01 13.21 -17.34
CA ALA D 29 -20.16 14.38 -17.51
C ALA D 29 -19.98 14.69 -19.00
N SER D 30 -19.70 13.66 -19.79
CA SER D 30 -19.48 13.80 -21.23
C SER D 30 -20.71 14.24 -22.00
N GLY D 31 -21.82 14.44 -21.31
CA GLY D 31 -23.03 14.86 -22.01
C GLY D 31 -24.14 13.83 -22.02
N GLY D 32 -23.92 12.70 -21.37
CA GLY D 32 -24.93 11.65 -21.33
C GLY D 32 -26.17 12.11 -20.58
N ASN D 33 -27.35 11.77 -21.11
CA ASN D 33 -28.62 12.16 -20.48
C ASN D 33 -29.14 11.12 -19.49
N LYS D 34 -29.23 11.54 -18.22
CA LYS D 34 -29.69 10.70 -17.12
C LYS D 34 -31.17 10.29 -17.19
N ASP D 35 -31.92 10.86 -18.12
CA ASP D 35 -33.33 10.54 -18.27
C ASP D 35 -33.56 9.68 -19.51
N GLU D 36 -32.48 9.42 -20.22
CA GLU D 36 -32.52 8.62 -21.44
C GLU D 36 -33.43 7.42 -21.20
N GLU D 37 -34.23 7.08 -22.20
CA GLU D 37 -35.12 5.94 -22.09
C GLU D 37 -34.83 4.95 -23.20
N ASP D 38 -35.14 3.69 -22.98
CA ASP D 38 -34.93 2.69 -24.02
C ASP D 38 -36.29 2.56 -24.71
N SER D 39 -36.41 1.66 -25.67
CA SER D 39 -37.69 1.51 -26.36
C SER D 39 -38.86 1.30 -25.40
N GLU D 40 -38.63 0.59 -24.30
CA GLU D 40 -39.70 0.31 -23.34
C GLU D 40 -39.94 1.41 -22.30
N GLY D 41 -39.33 2.57 -22.52
CA GLY D 41 -39.51 3.67 -21.59
C GLY D 41 -38.68 3.58 -20.32
N ARG D 42 -37.84 2.55 -20.20
CA ARG D 42 -37.02 2.42 -19.00
C ARG D 42 -35.84 3.37 -18.99
N THR D 43 -35.53 3.90 -17.80
CA THR D 43 -34.41 4.82 -17.63
C THR D 43 -33.29 4.05 -16.92
N ALA D 44 -32.12 4.66 -16.81
CA ALA D 44 -31.00 4.00 -16.16
C ALA D 44 -31.32 3.76 -14.68
N LEU D 45 -32.18 4.59 -14.11
CA LEU D 45 -32.56 4.45 -12.72
C LEU D 45 -33.42 3.20 -12.50
N HIS D 46 -34.24 2.83 -13.50
CA HIS D 46 -35.07 1.62 -13.39
C HIS D 46 -34.14 0.41 -13.30
N PHE D 47 -33.14 0.38 -14.17
CA PHE D 47 -32.17 -0.71 -14.21
C PHE D 47 -31.29 -0.80 -12.98
N ALA D 48 -30.76 0.32 -12.52
CA ALA D 48 -29.91 0.33 -11.33
C ALA D 48 -30.71 -0.18 -10.12
N CYS D 49 -31.95 0.29 -9.99
CA CYS D 49 -32.79 -0.14 -8.87
C CYS D 49 -33.24 -1.60 -9.03
N GLY D 50 -33.47 -2.02 -10.27
CA GLY D 50 -33.88 -3.38 -10.52
C GLY D 50 -32.74 -4.35 -10.30
N TYR D 51 -31.49 -3.90 -10.49
CA TYR D 51 -30.36 -4.79 -10.28
C TYR D 51 -29.72 -4.56 -8.90
N GLY D 52 -30.22 -3.59 -8.15
CA GLY D 52 -29.67 -3.33 -6.83
C GLY D 52 -28.35 -2.58 -6.81
N GLU D 53 -28.07 -1.79 -7.85
CA GLU D 53 -26.82 -1.03 -7.91
C GLU D 53 -27.06 0.29 -7.20
N LEU D 54 -26.97 0.27 -5.88
CA LEU D 54 -27.21 1.43 -5.03
C LEU D 54 -26.44 2.68 -5.43
N LYS D 55 -25.11 2.57 -5.47
CA LYS D 55 -24.28 3.73 -5.80
C LYS D 55 -24.64 4.39 -7.14
N CYS D 56 -24.81 3.57 -8.17
CA CYS D 56 -25.19 4.10 -9.48
C CYS D 56 -26.58 4.76 -9.41
N ALA D 57 -27.45 4.23 -8.56
CA ALA D 57 -28.78 4.80 -8.42
C ALA D 57 -28.65 6.18 -7.76
N GLN D 58 -27.76 6.31 -6.78
CA GLN D 58 -27.53 7.59 -6.10
C GLN D 58 -27.00 8.59 -7.12
N VAL D 59 -25.95 8.23 -7.86
CA VAL D 59 -25.40 9.11 -8.87
C VAL D 59 -26.53 9.66 -9.72
N LEU D 60 -27.36 8.76 -10.24
CA LEU D 60 -28.48 9.14 -11.08
C LEU D 60 -29.48 10.06 -10.35
N ILE D 61 -29.73 9.80 -9.07
CA ILE D 61 -30.65 10.64 -8.32
C ILE D 61 -30.04 12.03 -8.14
N ASP D 62 -28.74 12.04 -7.83
CA ASP D 62 -28.00 13.29 -7.65
C ASP D 62 -27.98 14.13 -8.92
N ALA D 63 -27.89 13.47 -10.07
CA ALA D 63 -27.87 14.18 -11.34
C ALA D 63 -29.24 14.72 -11.72
N GLY D 64 -30.25 14.42 -10.90
CA GLY D 64 -31.59 14.92 -11.18
C GLY D 64 -32.55 13.98 -11.86
N ALA D 65 -32.21 12.69 -11.86
CA ALA D 65 -33.05 11.66 -12.49
C ALA D 65 -34.39 11.62 -11.78
N SER D 66 -35.46 11.41 -12.54
CA SER D 66 -36.80 11.35 -11.98
C SER D 66 -37.02 10.06 -11.19
N VAL D 67 -37.26 10.21 -9.90
CA VAL D 67 -37.49 9.10 -8.98
C VAL D 67 -38.79 8.34 -9.22
N ASN D 68 -39.70 8.96 -9.94
CA ASN D 68 -40.97 8.31 -10.24
C ASN D 68 -41.19 8.16 -11.74
N ALA D 69 -40.08 8.10 -12.46
CA ALA D 69 -40.13 7.93 -13.91
C ALA D 69 -40.98 6.70 -14.14
N VAL D 70 -41.68 6.67 -15.26
CA VAL D 70 -42.55 5.55 -15.58
C VAL D 70 -42.12 4.96 -16.92
N ASP D 71 -42.20 3.63 -17.02
CA ASP D 71 -41.85 2.93 -18.26
C ASP D 71 -43.17 2.66 -18.96
N LYS D 72 -43.12 2.06 -20.14
CA LYS D 72 -44.34 1.79 -20.90
C LYS D 72 -45.44 1.11 -20.05
N ASN D 73 -45.07 0.13 -19.24
CA ASN D 73 -46.04 -0.57 -18.40
C ASN D 73 -46.39 0.19 -17.12
N LYS D 74 -46.02 1.47 -17.08
CA LYS D 74 -46.27 2.35 -15.94
C LYS D 74 -45.65 1.82 -14.65
N ASN D 75 -44.42 1.33 -14.76
CA ASN D 75 -43.67 0.82 -13.63
C ASN D 75 -42.62 1.86 -13.26
N THR D 76 -42.53 2.19 -11.97
CA THR D 76 -41.55 3.17 -11.50
C THR D 76 -40.32 2.39 -11.02
N PRO D 77 -39.23 3.10 -10.68
CA PRO D 77 -38.04 2.38 -10.21
C PRO D 77 -38.36 1.57 -8.96
N LEU D 78 -39.22 2.14 -8.12
CA LEU D 78 -39.62 1.48 -6.88
C LEU D 78 -40.24 0.11 -7.20
N HIS D 79 -41.03 0.06 -8.26
CA HIS D 79 -41.66 -1.17 -8.71
C HIS D 79 -40.58 -2.22 -9.02
N TYR D 80 -39.50 -1.79 -9.68
CA TYR D 80 -38.41 -2.70 -10.01
C TYR D 80 -37.69 -3.15 -8.76
N ALA D 81 -37.24 -2.17 -7.98
CA ALA D 81 -36.54 -2.43 -6.74
C ALA D 81 -37.36 -3.32 -5.80
N ALA D 82 -38.66 -3.06 -5.69
CA ALA D 82 -39.49 -3.87 -4.80
C ALA D 82 -39.69 -5.28 -5.37
N GLY D 83 -40.02 -5.34 -6.66
CA GLY D 83 -40.25 -6.62 -7.28
C GLY D 83 -39.05 -7.55 -7.23
N TYR D 84 -37.84 -7.03 -7.46
CA TYR D 84 -36.65 -7.87 -7.44
C TYR D 84 -35.92 -7.90 -6.10
N GLY D 85 -36.62 -7.46 -5.06
CA GLY D 85 -36.11 -7.46 -3.71
C GLY D 85 -34.82 -6.73 -3.42
N ARG D 86 -34.60 -5.57 -4.04
CA ARG D 86 -33.37 -4.81 -3.78
C ARG D 86 -33.67 -3.82 -2.64
N LYS D 87 -33.65 -4.33 -1.42
CA LYS D 87 -33.97 -3.54 -0.23
C LYS D 87 -33.34 -2.16 -0.13
N GLU D 88 -32.02 -2.07 -0.25
CA GLU D 88 -31.36 -0.78 -0.16
C GLU D 88 -31.94 0.21 -1.16
N CYS D 89 -32.01 -0.20 -2.43
CA CYS D 89 -32.54 0.70 -3.45
C CYS D 89 -33.98 1.09 -3.14
N VAL D 90 -34.68 0.27 -2.36
CA VAL D 90 -36.05 0.59 -1.97
C VAL D 90 -35.96 1.78 -1.00
N SER D 91 -35.15 1.63 0.04
CA SER D 91 -34.97 2.73 1.01
C SER D 91 -34.48 3.99 0.31
N LEU D 92 -33.41 3.85 -0.49
CA LEU D 92 -32.86 4.99 -1.23
C LEU D 92 -33.94 5.76 -1.98
N LEU D 93 -34.85 5.05 -2.64
CA LEU D 93 -35.92 5.70 -3.40
C LEU D 93 -36.91 6.36 -2.45
N LEU D 94 -37.33 5.62 -1.42
CA LEU D 94 -38.26 6.16 -0.43
C LEU D 94 -37.76 7.51 0.08
N GLU D 95 -36.53 7.50 0.59
CA GLU D 95 -35.86 8.69 1.13
C GLU D 95 -35.73 9.82 0.12
N ASN D 96 -36.12 9.55 -1.12
CA ASN D 96 -36.01 10.58 -2.14
C ASN D 96 -37.34 10.77 -2.84
N GLY D 97 -38.40 10.71 -2.04
CA GLY D 97 -39.75 10.92 -2.53
C GLY D 97 -40.39 9.97 -3.53
N ALA D 98 -40.03 8.69 -3.48
CA ALA D 98 -40.62 7.72 -4.40
C ALA D 98 -42.08 7.45 -3.98
N ALA D 99 -43.01 7.70 -4.89
CA ALA D 99 -44.43 7.49 -4.63
C ALA D 99 -44.80 6.02 -4.46
N VAL D 100 -45.07 5.63 -3.22
CA VAL D 100 -45.41 4.24 -2.88
C VAL D 100 -46.87 3.83 -3.19
N THR D 101 -47.63 4.72 -3.82
CA THR D 101 -49.03 4.43 -4.16
C THR D 101 -49.26 4.35 -5.66
N LEU D 102 -48.29 4.83 -6.45
CA LEU D 102 -48.39 4.80 -7.91
C LEU D 102 -48.73 3.40 -8.40
N GLN D 103 -49.66 3.31 -9.34
CA GLN D 103 -50.04 2.00 -9.82
C GLN D 103 -49.51 1.60 -11.19
N ASN D 104 -49.44 0.28 -11.34
CA ASN D 104 -48.98 -0.41 -12.52
C ASN D 104 -49.99 -0.18 -13.62
N LEU D 105 -49.82 -0.88 -14.74
CA LEU D 105 -50.80 -0.81 -15.83
C LEU D 105 -51.56 -2.10 -15.60
N ASP D 106 -51.23 -2.74 -14.48
CA ASP D 106 -51.86 -3.97 -14.04
C ASP D 106 -52.61 -3.64 -12.75
N GLU D 107 -52.54 -2.37 -12.37
CA GLU D 107 -53.18 -1.82 -11.18
C GLU D 107 -52.41 -2.21 -9.92
N LYS D 108 -51.14 -2.52 -10.08
CA LYS D 108 -50.31 -2.95 -8.96
C LYS D 108 -49.33 -1.88 -8.46
N THR D 109 -49.29 -1.69 -7.15
CA THR D 109 -48.39 -0.74 -6.52
C THR D 109 -47.06 -1.46 -6.25
N PRO D 110 -46.00 -0.72 -5.94
CA PRO D 110 -44.73 -1.38 -5.67
C PRO D 110 -44.86 -2.48 -4.61
N ILE D 111 -45.71 -2.24 -3.62
CA ILE D 111 -45.92 -3.18 -2.55
C ILE D 111 -46.64 -4.43 -3.07
N ASP D 112 -47.60 -4.24 -3.97
CA ASP D 112 -48.32 -5.39 -4.51
C ASP D 112 -47.36 -6.27 -5.30
N VAL D 113 -46.47 -5.63 -6.04
CA VAL D 113 -45.48 -6.32 -6.85
C VAL D 113 -44.53 -7.09 -5.93
N ALA D 114 -44.11 -6.45 -4.85
CA ALA D 114 -43.23 -7.11 -3.91
C ALA D 114 -43.96 -8.36 -3.45
N LYS D 115 -45.20 -8.18 -2.98
CA LYS D 115 -46.03 -9.28 -2.48
C LYS D 115 -46.11 -10.44 -3.48
N LEU D 116 -46.40 -10.11 -4.73
CA LEU D 116 -46.53 -11.12 -5.77
C LEU D 116 -45.20 -11.79 -6.14
N ASN D 117 -44.09 -11.21 -5.67
CA ASN D 117 -42.78 -11.76 -5.96
C ASN D 117 -42.18 -12.38 -4.70
N SER D 118 -43.03 -12.57 -3.70
CA SER D 118 -42.66 -13.19 -2.43
C SER D 118 -41.57 -12.45 -1.67
N GLN D 119 -41.47 -11.14 -1.91
CA GLN D 119 -40.47 -10.31 -1.24
C GLN D 119 -41.02 -9.89 0.13
N LEU D 120 -41.14 -10.86 1.03
CA LEU D 120 -41.67 -10.58 2.36
C LEU D 120 -40.92 -9.48 3.09
N GLU D 121 -39.60 -9.47 3.03
CA GLU D 121 -38.81 -8.43 3.70
C GLU D 121 -39.10 -7.05 3.14
N VAL D 122 -39.10 -6.93 1.81
CA VAL D 122 -39.38 -5.67 1.16
C VAL D 122 -40.76 -5.14 1.56
N VAL D 123 -41.73 -6.04 1.74
CA VAL D 123 -43.07 -5.62 2.13
C VAL D 123 -43.09 -4.96 3.50
N LYS D 124 -42.37 -5.54 4.47
CA LYS D 124 -42.31 -4.94 5.80
C LYS D 124 -41.63 -3.59 5.68
N LEU D 125 -40.57 -3.56 4.89
CA LEU D 125 -39.80 -2.34 4.69
C LEU D 125 -40.71 -1.24 4.12
N LEU D 126 -41.50 -1.56 3.11
CA LEU D 126 -42.40 -0.58 2.52
C LEU D 126 -43.45 -0.14 3.55
N GLU D 127 -43.98 -1.10 4.31
CA GLU D 127 -44.98 -0.81 5.34
C GLU D 127 -44.42 0.10 6.43
N LYS D 128 -43.23 -0.26 6.91
CA LYS D 128 -42.54 0.51 7.94
C LYS D 128 -42.62 1.97 7.53
N ASP D 129 -42.03 2.29 6.40
CA ASP D 129 -42.02 3.66 5.89
C ASP D 129 -43.29 4.44 6.18
N ALA D 130 -44.41 4.01 5.57
CA ALA D 130 -45.69 4.68 5.74
C ALA D 130 -46.16 4.90 7.17
N GLU E 9 -3.88 12.81 -7.88
CA GLU E 9 -4.43 14.00 -8.59
C GLU E 9 -5.81 14.47 -8.11
N SER E 10 -6.09 14.26 -6.82
CA SER E 10 -7.37 14.70 -6.26
C SER E 10 -7.14 15.98 -5.48
N ILE E 11 -7.58 17.10 -6.02
CA ILE E 11 -7.37 18.38 -5.37
C ILE E 11 -8.11 18.48 -4.03
N VAL E 12 -9.29 17.88 -3.94
CA VAL E 12 -10.06 17.88 -2.71
C VAL E 12 -9.26 17.14 -1.61
N HIS E 13 -8.68 15.99 -1.95
CA HIS E 13 -7.90 15.24 -0.97
C HIS E 13 -6.62 15.96 -0.58
N GLN E 14 -5.88 16.47 -1.55
CA GLN E 14 -4.62 17.16 -1.23
C GLN E 14 -4.78 18.42 -0.39
N THR E 15 -5.68 19.32 -0.78
CA THR E 15 -5.88 20.52 0.01
C THR E 15 -6.34 20.18 1.44
N ALA E 16 -7.26 19.22 1.57
CA ALA E 16 -7.75 18.85 2.90
C ALA E 16 -6.59 18.33 3.76
N SER E 17 -5.81 17.41 3.18
CA SER E 17 -4.67 16.80 3.88
C SER E 17 -3.60 17.78 4.36
N LEU E 18 -3.38 18.86 3.62
CA LEU E 18 -2.35 19.83 3.97
C LEU E 18 -2.89 21.04 4.74
N GLY E 19 -4.17 20.96 5.09
CA GLY E 19 -4.79 22.04 5.83
C GLY E 19 -5.05 23.30 5.03
N ASP E 20 -5.09 23.16 3.72
CA ASP E 20 -5.31 24.29 2.81
C ASP E 20 -6.82 24.55 2.72
N VAL E 21 -7.32 25.30 3.69
CA VAL E 21 -8.74 25.65 3.77
C VAL E 21 -9.19 26.39 2.51
N GLU E 22 -8.51 27.48 2.18
CA GLU E 22 -8.90 28.23 0.98
C GLU E 22 -8.90 27.35 -0.26
N GLY E 23 -7.85 26.57 -0.44
CA GLY E 23 -7.78 25.70 -1.61
C GLY E 23 -8.87 24.65 -1.62
N LEU E 24 -9.29 24.20 -0.43
CA LEU E 24 -10.34 23.19 -0.32
C LEU E 24 -11.70 23.79 -0.72
N LYS E 25 -11.99 24.98 -0.20
CA LYS E 25 -13.25 25.64 -0.52
C LYS E 25 -13.28 25.91 -2.02
N ALA E 26 -12.20 26.47 -2.54
CA ALA E 26 -12.13 26.75 -3.97
C ALA E 26 -12.30 25.50 -4.85
N ALA E 27 -11.75 24.37 -4.43
CA ALA E 27 -11.90 23.14 -5.23
C ALA E 27 -13.32 22.63 -5.20
N LEU E 28 -13.97 22.76 -4.04
CA LEU E 28 -15.37 22.34 -3.85
C LEU E 28 -16.27 23.27 -4.67
N ALA E 29 -15.99 24.57 -4.60
CA ALA E 29 -16.78 25.56 -5.32
C ALA E 29 -16.58 25.44 -6.83
N SER E 30 -15.49 24.81 -7.24
CA SER E 30 -15.18 24.60 -8.65
C SER E 30 -15.80 23.33 -9.17
N GLY E 31 -16.56 22.63 -8.33
CA GLY E 31 -17.17 21.40 -8.78
C GLY E 31 -16.54 20.14 -8.20
N GLY E 32 -15.59 20.33 -7.27
CA GLY E 32 -14.97 19.17 -6.63
C GLY E 32 -16.01 18.45 -5.79
N ASN E 33 -15.90 17.13 -5.73
CA ASN E 33 -16.82 16.30 -4.95
C ASN E 33 -16.27 16.03 -3.55
N LYS E 34 -17.03 16.37 -2.51
CA LYS E 34 -16.57 16.17 -1.14
C LYS E 34 -16.62 14.71 -0.71
N ASP E 35 -17.21 13.85 -1.52
CA ASP E 35 -17.29 12.44 -1.18
C ASP E 35 -16.37 11.61 -2.06
N GLU E 36 -15.47 12.29 -2.77
CA GLU E 36 -14.55 11.59 -3.64
C GLU E 36 -13.72 10.61 -2.82
N GLU E 37 -13.59 9.39 -3.33
CA GLU E 37 -12.83 8.35 -2.65
C GLU E 37 -11.55 8.02 -3.41
N ASP E 38 -10.51 7.58 -2.71
CA ASP E 38 -9.31 7.18 -3.41
C ASP E 38 -9.46 5.67 -3.62
N SER E 39 -8.44 5.02 -4.18
CA SER E 39 -8.51 3.59 -4.44
C SER E 39 -8.78 2.73 -3.21
N GLU E 40 -8.52 3.26 -2.03
CA GLU E 40 -8.73 2.53 -0.79
C GLU E 40 -10.03 2.93 -0.11
N GLY E 41 -10.86 3.70 -0.82
CA GLY E 41 -12.13 4.11 -0.27
C GLY E 41 -12.07 5.22 0.76
N ARG E 42 -10.94 5.91 0.85
CA ARG E 42 -10.75 7.00 1.80
C ARG E 42 -11.27 8.29 1.22
N THR E 43 -11.95 9.10 2.03
CA THR E 43 -12.45 10.39 1.56
C THR E 43 -11.59 11.48 2.16
N ALA E 44 -11.80 12.72 1.72
CA ALA E 44 -11.03 13.85 2.21
C ALA E 44 -11.24 14.00 3.71
N LEU E 45 -12.42 13.64 4.19
CA LEU E 45 -12.68 13.74 5.61
C LEU E 45 -11.85 12.76 6.42
N HIS E 46 -11.62 11.56 5.88
CA HIS E 46 -10.77 10.58 6.57
C HIS E 46 -9.38 11.22 6.79
N PHE E 47 -8.81 11.81 5.73
CA PHE E 47 -7.47 12.42 5.83
C PHE E 47 -7.43 13.62 6.75
N ALA E 48 -8.33 14.57 6.54
CA ALA E 48 -8.35 15.75 7.39
C ALA E 48 -8.38 15.35 8.86
N CYS E 49 -9.22 14.38 9.21
CA CYS E 49 -9.34 13.92 10.59
C CYS E 49 -8.14 13.10 11.03
N GLY E 50 -7.53 12.39 10.09
CA GLY E 50 -6.36 11.58 10.41
C GLY E 50 -5.15 12.44 10.63
N TYR E 51 -5.12 13.63 10.01
CA TYR E 51 -3.98 14.55 10.16
C TYR E 51 -4.27 15.69 11.16
N GLY E 52 -5.49 15.74 11.66
CA GLY E 52 -5.86 16.75 12.61
C GLY E 52 -6.14 18.12 12.01
N GLU E 53 -6.65 18.17 10.79
CA GLU E 53 -6.93 19.46 10.16
C GLU E 53 -8.39 19.78 10.46
N LEU E 54 -8.63 20.34 11.64
CA LEU E 54 -9.96 20.69 12.10
C LEU E 54 -10.79 21.54 11.15
N LYS E 55 -10.20 22.65 10.71
CA LYS E 55 -10.88 23.57 9.80
C LYS E 55 -11.35 22.86 8.52
N CYS E 56 -10.43 22.20 7.83
CA CYS E 56 -10.77 21.49 6.59
C CYS E 56 -11.85 20.44 6.86
N ALA E 57 -11.80 19.80 8.02
CA ALA E 57 -12.81 18.80 8.33
C ALA E 57 -14.19 19.46 8.43
N GLN E 58 -14.23 20.64 9.06
CA GLN E 58 -15.47 21.40 9.22
C GLN E 58 -16.03 21.78 7.85
N VAL E 59 -15.15 22.23 6.97
CA VAL E 59 -15.55 22.62 5.62
C VAL E 59 -16.19 21.42 4.92
N LEU E 60 -15.58 20.25 5.03
CA LEU E 60 -16.12 19.05 4.42
C LEU E 60 -17.45 18.64 5.07
N ILE E 61 -17.55 18.78 6.40
CA ILE E 61 -18.79 18.42 7.10
C ILE E 61 -19.89 19.36 6.62
N ASP E 62 -19.60 20.64 6.62
CA ASP E 62 -20.53 21.66 6.16
C ASP E 62 -21.01 21.36 4.73
N ALA E 63 -20.09 20.92 3.89
CA ALA E 63 -20.44 20.61 2.50
C ALA E 63 -21.29 19.35 2.36
N GLY E 64 -21.53 18.68 3.49
CA GLY E 64 -22.34 17.47 3.47
C GLY E 64 -21.56 16.15 3.42
N ALA E 65 -20.26 16.20 3.70
CA ALA E 65 -19.48 14.96 3.68
C ALA E 65 -20.03 14.01 4.74
N SER E 66 -20.06 12.72 4.43
CA SER E 66 -20.58 11.75 5.38
C SER E 66 -19.60 11.49 6.52
N VAL E 67 -20.05 11.82 7.73
CA VAL E 67 -19.28 11.69 8.96
C VAL E 67 -18.87 10.25 9.27
N ASN E 68 -19.67 9.29 8.84
CA ASN E 68 -19.39 7.88 9.09
C ASN E 68 -18.96 7.13 7.84
N ALA E 69 -18.36 7.86 6.89
CA ALA E 69 -17.91 7.25 5.65
C ALA E 69 -16.98 6.12 6.07
N VAL E 70 -16.97 5.06 5.29
CA VAL E 70 -16.16 3.91 5.61
C VAL E 70 -15.22 3.54 4.48
N ASP E 71 -13.93 3.41 4.77
CA ASP E 71 -13.00 3.04 3.70
C ASP E 71 -13.07 1.52 3.46
N LYS E 72 -12.18 0.98 2.64
CA LYS E 72 -12.22 -0.44 2.34
C LYS E 72 -11.87 -1.37 3.51
N ASN E 73 -11.43 -0.81 4.62
CA ASN E 73 -11.13 -1.63 5.80
C ASN E 73 -12.20 -1.33 6.85
N LYS E 74 -13.21 -0.59 6.42
CA LYS E 74 -14.33 -0.20 7.25
C LYS E 74 -13.99 0.80 8.36
N ASN E 75 -12.95 1.58 8.12
CA ASN E 75 -12.55 2.60 9.07
C ASN E 75 -13.27 3.89 8.77
N THR E 76 -13.87 4.48 9.80
CA THR E 76 -14.58 5.75 9.66
C THR E 76 -13.56 6.86 9.96
N PRO E 77 -13.96 8.14 9.76
CA PRO E 77 -13.04 9.25 10.04
C PRO E 77 -12.72 9.26 11.56
N LEU E 78 -13.68 8.82 12.36
CA LEU E 78 -13.46 8.79 13.80
C LEU E 78 -12.37 7.79 14.14
N HIS E 79 -12.32 6.66 13.41
CA HIS E 79 -11.26 5.66 13.63
C HIS E 79 -9.90 6.32 13.39
N TYR E 80 -9.81 7.12 12.33
CA TYR E 80 -8.58 7.83 11.98
C TYR E 80 -8.21 8.86 13.04
N ALA E 81 -9.16 9.75 13.35
CA ALA E 81 -8.90 10.79 14.35
C ALA E 81 -8.51 10.18 15.68
N ALA E 82 -9.21 9.12 16.08
CA ALA E 82 -8.91 8.48 17.36
C ALA E 82 -7.59 7.77 17.36
N GLY E 83 -7.36 6.99 16.31
CA GLY E 83 -6.11 6.24 16.20
C GLY E 83 -4.86 7.10 16.17
N TYR E 84 -4.93 8.25 15.52
CA TYR E 84 -3.77 9.13 15.43
C TYR E 84 -3.84 10.29 16.40
N GLY E 85 -4.65 10.12 17.44
CA GLY E 85 -4.77 11.13 18.50
C GLY E 85 -5.10 12.56 18.16
N ARG E 86 -6.00 12.78 17.22
CA ARG E 86 -6.37 14.14 16.83
C ARG E 86 -7.64 14.52 17.62
N LYS E 87 -7.43 14.86 18.89
CA LYS E 87 -8.49 15.22 19.82
C LYS E 87 -9.59 16.18 19.36
N GLU E 88 -9.20 17.29 18.73
CA GLU E 88 -10.19 18.26 18.28
C GLU E 88 -11.06 17.67 17.17
N CYS E 89 -10.45 16.89 16.28
CA CYS E 89 -11.23 16.28 15.22
C CYS E 89 -12.19 15.25 15.81
N VAL E 90 -11.76 14.58 16.87
CA VAL E 90 -12.62 13.60 17.52
C VAL E 90 -13.89 14.31 18.01
N SER E 91 -13.73 15.42 18.71
CA SER E 91 -14.86 16.17 19.25
C SER E 91 -15.75 16.65 18.11
N LEU E 92 -15.13 17.24 17.09
CA LEU E 92 -15.89 17.74 15.95
C LEU E 92 -16.78 16.61 15.41
N LEU E 93 -16.19 15.44 15.20
CA LEU E 93 -16.92 14.31 14.66
C LEU E 93 -18.05 13.88 15.60
N LEU E 94 -17.74 13.78 16.88
CA LEU E 94 -18.74 13.41 17.86
C LEU E 94 -19.95 14.36 17.79
N GLU E 95 -19.67 15.66 17.84
CA GLU E 95 -20.70 16.69 17.79
C GLU E 95 -21.53 16.64 16.51
N ASN E 96 -21.06 15.88 15.53
CA ASN E 96 -21.77 15.77 14.26
C ASN E 96 -22.32 14.38 13.98
N GLY E 97 -22.58 13.65 15.05
CA GLY E 97 -23.15 12.33 14.90
C GLY E 97 -22.26 11.17 14.50
N ALA E 98 -20.95 11.30 14.68
CA ALA E 98 -20.06 10.19 14.36
C ALA E 98 -20.55 9.00 15.19
N ALA E 99 -20.52 7.79 14.62
CA ALA E 99 -20.97 6.59 15.34
C ALA E 99 -19.80 5.94 16.07
N VAL E 100 -19.83 6.08 17.39
CA VAL E 100 -18.79 5.57 18.27
C VAL E 100 -18.76 4.04 18.44
N THR E 101 -19.76 3.32 17.92
CA THR E 101 -19.76 1.86 18.04
C THR E 101 -19.45 1.11 16.76
N LEU E 102 -19.32 1.82 15.66
CA LEU E 102 -19.01 1.17 14.39
C LEU E 102 -17.71 0.42 14.51
N GLN E 103 -17.67 -0.77 13.91
CA GLN E 103 -16.50 -1.61 13.96
C GLN E 103 -15.67 -1.70 12.70
N ASN E 104 -14.39 -1.94 12.92
CA ASN E 104 -13.37 -2.12 11.91
C ASN E 104 -13.63 -3.47 11.24
N LEU E 105 -12.82 -3.81 10.26
CA LEU E 105 -12.91 -5.10 9.61
C LEU E 105 -12.13 -6.00 10.58
N ASP E 106 -11.43 -5.33 11.49
CA ASP E 106 -10.61 -5.98 12.51
C ASP E 106 -11.46 -6.06 13.79
N GLU E 107 -12.73 -5.69 13.65
CA GLU E 107 -13.70 -5.72 14.76
C GLU E 107 -13.38 -4.68 15.83
N LYS E 108 -12.63 -3.66 15.46
CA LYS E 108 -12.24 -2.62 16.41
C LYS E 108 -13.04 -1.34 16.27
N THR E 109 -13.52 -0.79 17.40
CA THR E 109 -14.27 0.46 17.38
C THR E 109 -13.25 1.60 17.42
N PRO E 110 -13.70 2.85 17.24
CA PRO E 110 -12.72 3.94 17.27
C PRO E 110 -11.97 3.98 18.60
N ILE E 111 -12.67 3.68 19.69
CA ILE E 111 -11.99 3.70 20.97
C ILE E 111 -11.00 2.52 21.11
N ASP E 112 -11.29 1.38 20.48
CA ASP E 112 -10.36 0.25 20.56
C ASP E 112 -9.08 0.66 19.85
N VAL E 113 -9.22 1.32 18.70
CA VAL E 113 -8.09 1.76 17.93
C VAL E 113 -7.26 2.79 18.71
N ALA E 114 -7.93 3.68 19.43
CA ALA E 114 -7.23 4.67 20.25
C ALA E 114 -6.44 3.90 21.33
N LYS E 115 -7.06 2.88 21.94
CA LYS E 115 -6.38 2.13 22.99
C LYS E 115 -5.17 1.40 22.44
N LEU E 116 -5.32 0.77 21.28
CA LEU E 116 -4.20 0.06 20.68
C LEU E 116 -3.08 0.97 20.18
N ASN E 117 -3.33 2.27 20.09
CA ASN E 117 -2.29 3.19 19.64
C ASN E 117 -1.79 4.05 20.77
N SER E 118 -2.13 3.66 21.99
CA SER E 118 -1.71 4.39 23.19
C SER E 118 -2.14 5.84 23.17
N GLN E 119 -3.40 6.09 22.82
CA GLN E 119 -3.91 7.46 22.79
C GLN E 119 -4.76 7.64 24.02
N LEU E 120 -4.12 7.51 25.18
CA LEU E 120 -4.79 7.61 26.47
C LEU E 120 -5.70 8.82 26.60
N GLU E 121 -5.31 9.95 26.05
CA GLU E 121 -6.12 11.16 26.14
C GLU E 121 -7.40 11.03 25.32
N VAL E 122 -7.27 10.49 24.10
CA VAL E 122 -8.44 10.29 23.24
C VAL E 122 -9.43 9.36 23.94
N VAL E 123 -8.90 8.32 24.59
CA VAL E 123 -9.75 7.34 25.28
C VAL E 123 -10.64 8.00 26.35
N LYS E 124 -10.07 8.93 27.10
CA LYS E 124 -10.83 9.62 28.14
C LYS E 124 -11.92 10.43 27.50
N LEU E 125 -11.55 11.12 26.42
CA LEU E 125 -12.48 11.95 25.68
C LEU E 125 -13.67 11.10 25.21
N LEU E 126 -13.38 10.03 24.47
CA LEU E 126 -14.44 9.16 23.94
C LEU E 126 -15.31 8.59 25.07
N GLU E 127 -14.72 8.36 26.24
CA GLU E 127 -15.47 7.82 27.37
C GLU E 127 -16.31 8.90 28.04
N LYS E 128 -15.91 10.17 27.94
CA LYS E 128 -16.69 11.23 28.57
C LYS E 128 -17.89 11.62 27.73
N ASP E 129 -17.77 11.44 26.42
CA ASP E 129 -18.85 11.71 25.49
C ASP E 129 -20.03 10.85 25.94
N ALA E 130 -19.89 9.53 25.77
CA ALA E 130 -20.94 8.59 26.16
C ALA E 130 -21.20 8.81 27.67
#